data_3H3Q
#
_entry.id   3H3Q
#
_cell.length_a   42.480
_cell.length_b   74.706
_cell.length_c   77.605
_cell.angle_alpha   90.000
_cell.angle_beta   102.640
_cell.angle_gamma   90.000
#
_symmetry.space_group_name_H-M   'P 1 21 1'
#
loop_
_entity.id
_entity.type
_entity.pdbx_description
1 polymer 'Goodpasture antigen binding protein'
2 non-polymer N-[(1R,3R)-3-hydroxy-1-(hydroxymethyl)-3-phenylpropyl]tridecanamide
3 water water
#
_entity_poly.entity_id   1
_entity_poly.type   'polypeptide(L)'
_entity_poly.pdbx_seq_one_letter_code
;SNSLHWPTSLPSGDAFSSVGTHRFVQKVEEMVQNHMTYSLQDVGGDANWQLVVEEGEMKVYRREVEENGIVLDPLKATHA
VKGVTGHEVCNYFWNVDVRNDWETTIENFHVVETLADNAIIIYQTHKRVWPASQRDVLYLSVIRKIPALTENDPETWIVC
NFSVDHDSAPLNNRCVRAKINVAMICQTLVSPPEGNQEISRDNILCKITYVANVNPGGWAPASVLRAVAKREYPKFLKRF
TSYVQEKTAGKPILF
;
_entity_poly.pdbx_strand_id   A,B
#
# COMPACT_ATOMS: atom_id res chain seq x y z
N GLY A 20 26.10 13.71 10.92
CA GLY A 20 25.17 13.85 9.75
C GLY A 20 24.90 15.26 9.24
N THR A 21 24.34 15.34 8.04
CA THR A 21 23.86 16.60 7.49
C THR A 21 22.37 16.86 7.82
N HIS A 22 21.52 15.83 7.72
CA HIS A 22 20.07 16.06 7.72
C HIS A 22 19.55 16.66 9.03
N ARG A 23 18.32 17.16 8.98
CA ARG A 23 17.76 17.94 10.10
C ARG A 23 17.31 17.07 11.27
N PHE A 24 17.36 15.76 11.09
CA PHE A 24 16.86 14.90 12.16
C PHE A 24 17.99 14.24 12.95
N VAL A 25 19.22 14.64 12.66
CA VAL A 25 20.38 13.98 13.22
C VAL A 25 20.38 14.00 14.74
N GLN A 26 19.99 15.11 15.34
CA GLN A 26 19.97 15.22 16.79
C GLN A 26 18.92 14.31 17.44
N LYS A 27 17.74 14.29 16.83
CA LYS A 27 16.61 13.47 17.31
C LYS A 27 16.96 11.97 17.18
N VAL A 28 17.56 11.60 16.05
CA VAL A 28 18.09 10.25 15.87
C VAL A 28 19.01 9.82 17.00
N GLU A 29 19.99 10.66 17.33
CA GLU A 29 20.96 10.26 18.35
C GLU A 29 20.33 10.06 19.71
N GLU A 30 19.40 10.94 20.03
CA GLU A 30 18.67 10.88 21.26
C GLU A 30 17.90 9.57 21.30
N MET A 31 17.25 9.22 20.20
CA MET A 31 16.45 7.99 20.19
C MET A 31 17.30 6.75 20.35
N VAL A 32 18.43 6.71 19.66
CA VAL A 32 19.38 5.64 19.70
C VAL A 32 20.01 5.50 21.09
N GLN A 33 20.30 6.63 21.72
CA GLN A 33 20.90 6.61 23.04
C GLN A 33 19.88 6.18 24.09
N ASN A 34 18.64 6.63 23.95
CA ASN A 34 17.58 6.21 24.88
C ASN A 34 17.30 4.72 24.76
N HIS A 35 17.19 4.22 23.53
CA HIS A 35 17.14 2.75 23.34
C HIS A 35 18.35 1.99 23.92
N MET A 36 19.54 2.50 23.68
CA MET A 36 20.71 1.81 24.26
C MET A 36 20.72 1.85 25.79
N THR A 37 20.17 2.86 26.41
CA THR A 37 20.28 2.84 27.88
C THR A 37 19.03 2.25 28.54
N TYR A 38 17.86 2.49 27.96
CA TYR A 38 16.66 1.98 28.60
C TYR A 38 16.07 0.69 27.99
N SER A 39 16.24 0.46 26.68
CA SER A 39 15.57 -0.69 26.00
C SER A 39 16.28 -2.01 26.16
N LEU A 40 17.52 -1.96 26.63
CA LEU A 40 18.33 -3.16 26.78
C LEU A 40 18.24 -3.70 28.22
N GLN A 41 17.94 -2.79 29.14
CA GLN A 41 17.62 -3.10 30.52
C GLN A 41 16.83 -4.41 30.65
N ASP A 42 17.17 -5.17 31.68
CA ASP A 42 16.61 -6.52 31.78
C ASP A 42 15.19 -6.54 32.36
N VAL A 43 14.34 -7.38 31.77
CA VAL A 43 12.91 -7.34 32.01
C VAL A 43 12.37 -8.65 32.60
N GLY A 44 13.23 -9.64 32.73
CA GLY A 44 12.83 -10.96 33.25
C GLY A 44 12.21 -10.92 34.64
N GLY A 45 12.88 -10.26 35.58
CA GLY A 45 12.39 -10.19 36.96
C GLY A 45 11.82 -8.83 37.30
N ASP A 46 11.44 -8.08 36.26
CA ASP A 46 10.69 -6.83 36.42
C ASP A 46 9.21 -7.13 36.56
N ALA A 47 8.67 -6.87 37.74
CA ALA A 47 7.28 -7.22 38.04
C ALA A 47 6.23 -6.33 37.36
N ASN A 48 6.64 -5.21 36.76
CA ASN A 48 5.70 -4.45 35.94
C ASN A 48 5.62 -4.99 34.52
N TRP A 49 6.47 -5.96 34.21
CA TRP A 49 6.48 -6.61 32.92
C TRP A 49 6.00 -8.05 33.03
N GLN A 50 5.20 -8.49 32.07
CA GLN A 50 4.67 -9.86 32.07
C GLN A 50 5.13 -10.56 30.81
N LEU A 51 5.65 -11.77 30.98
CA LEU A 51 6.06 -12.64 29.89
C LEU A 51 4.77 -13.18 29.29
N VAL A 52 4.41 -12.75 28.09
CA VAL A 52 3.12 -13.18 27.53
C VAL A 52 3.25 -14.25 26.42
N VAL A 53 4.42 -14.34 25.80
CA VAL A 53 4.60 -15.31 24.76
C VAL A 53 5.99 -15.89 24.88
N GLU A 54 6.07 -17.22 24.88
CA GLU A 54 7.36 -17.86 24.81
C GLU A 54 7.29 -18.93 23.75
N GLU A 55 8.38 -19.10 23.02
CA GLU A 55 8.45 -20.15 22.05
C GLU A 55 9.87 -20.24 21.54
N GLY A 56 10.57 -21.30 21.93
CA GLY A 56 11.96 -21.45 21.54
C GLY A 56 12.75 -20.34 22.19
N GLU A 57 13.64 -19.72 21.42
CA GLU A 57 14.47 -18.67 21.97
C GLU A 57 13.71 -17.32 22.10
N MET A 58 12.46 -17.31 21.68
CA MET A 58 11.64 -16.10 21.65
C MET A 58 10.81 -15.85 22.88
N LYS A 59 10.92 -14.65 23.43
CA LYS A 59 10.08 -14.24 24.51
C LYS A 59 9.50 -12.85 24.23
N VAL A 60 8.25 -12.63 24.61
CA VAL A 60 7.58 -11.38 24.36
C VAL A 60 7.01 -10.96 25.68
N TYR A 61 7.43 -9.78 26.14
CA TYR A 61 6.88 -9.17 27.34
C TYR A 61 6.08 -7.92 27.04
N ARG A 62 5.17 -7.58 27.94
CA ARG A 62 4.44 -6.34 27.80
C ARG A 62 4.27 -5.69 29.15
N ARG A 63 4.26 -4.38 29.15
CA ARG A 63 3.92 -3.60 30.34
C ARG A 63 2.54 -3.02 30.10
N GLU A 64 1.60 -3.25 30.99
CA GLU A 64 0.29 -2.71 30.77
C GLU A 64 0.19 -1.22 31.14
N VAL A 65 0.02 -0.37 30.13
CA VAL A 65 -0.10 1.05 30.37
C VAL A 65 -1.25 1.61 29.54
N GLU A 66 -2.06 2.45 30.18
CA GLU A 66 -3.06 3.26 29.46
C GLU A 66 -3.00 4.74 29.90
N GLU A 67 -3.21 5.65 28.94
CA GLU A 67 -3.40 7.06 29.25
C GLU A 67 -4.72 7.51 28.62
N ASN A 68 -5.65 7.97 29.46
CA ASN A 68 -7.00 8.39 29.05
C ASN A 68 -7.86 7.28 28.48
N GLY A 69 -7.73 6.08 29.04
CA GLY A 69 -8.39 4.90 28.48
C GLY A 69 -7.82 4.39 27.16
N ILE A 70 -6.77 5.03 26.65
CA ILE A 70 -6.07 4.53 25.45
C ILE A 70 -4.88 3.61 25.81
N VAL A 71 -4.88 2.40 25.27
CA VAL A 71 -3.85 1.40 25.56
C VAL A 71 -2.53 1.67 24.84
N LEU A 72 -1.47 1.82 25.64
CA LEU A 72 -0.15 2.21 25.13
C LEU A 72 0.89 1.09 25.36
N ASP A 73 0.45 -0.01 25.99
CA ASP A 73 1.32 -1.11 26.41
C ASP A 73 2.66 -1.18 25.68
N PRO A 74 3.74 -0.73 26.34
CA PRO A 74 5.06 -1.04 25.87
C PRO A 74 5.25 -2.55 25.69
N LEU A 75 5.95 -2.89 24.62
CA LEU A 75 6.21 -4.28 24.29
C LEU A 75 7.71 -4.49 24.11
N LYS A 76 8.23 -5.54 24.74
CA LYS A 76 9.59 -5.94 24.53
C LYS A 76 9.71 -7.44 24.17
N ALA A 77 10.35 -7.71 23.05
CA ALA A 77 10.69 -9.08 22.70
C ALA A 77 12.20 -9.28 22.67
N THR A 78 12.64 -10.46 23.12
CA THR A 78 14.03 -10.88 22.99
C THR A 78 14.05 -12.18 22.16
N HIS A 79 15.05 -12.37 21.32
CA HIS A 79 15.11 -13.58 20.50
C HIS A 79 16.59 -13.93 20.31
N ALA A 80 16.91 -15.13 19.86
CA ALA A 80 18.27 -15.50 19.56
C ALA A 80 18.16 -16.35 18.31
N VAL A 81 18.82 -15.96 17.23
CA VAL A 81 18.59 -16.58 15.92
C VAL A 81 19.91 -17.15 15.39
N LYS A 82 19.97 -18.46 15.20
CA LYS A 82 21.24 -19.02 14.79
C LYS A 82 21.50 -18.75 13.33
N GLY A 83 22.77 -18.49 13.00
CA GLY A 83 23.20 -18.45 11.60
C GLY A 83 23.08 -17.10 10.91
N VAL A 84 22.76 -16.04 11.67
CA VAL A 84 22.68 -14.72 11.07
C VAL A 84 23.39 -13.75 11.97
N THR A 85 23.84 -12.62 11.42
CA THR A 85 24.43 -11.57 12.24
C THR A 85 23.44 -10.47 12.57
N GLY A 86 23.80 -9.66 13.56
CA GLY A 86 23.03 -8.46 13.89
C GLY A 86 23.00 -7.49 12.73
N HIS A 87 24.12 -7.34 12.04
CA HIS A 87 24.21 -6.48 10.88
C HIS A 87 23.21 -6.90 9.81
N GLU A 88 23.14 -8.20 9.55
CA GLU A 88 22.19 -8.77 8.57
C GLU A 88 20.73 -8.58 8.96
N VAL A 89 20.40 -8.86 10.22
CA VAL A 89 19.04 -8.72 10.68
C VAL A 89 18.56 -7.26 10.61
N CYS A 90 19.42 -6.34 11.05
CA CYS A 90 19.11 -4.92 10.91
C CYS A 90 18.96 -4.52 9.44
N ASN A 91 19.87 -4.98 8.60
CA ASN A 91 19.82 -4.64 7.17
C ASN A 91 18.49 -5.02 6.56
N TYR A 92 18.08 -6.27 6.74
CA TYR A 92 16.79 -6.78 6.28
C TYR A 92 15.60 -6.06 6.90
N PHE A 93 15.71 -5.71 8.19
CA PHE A 93 14.61 -5.00 8.84
C PHE A 93 14.37 -3.63 8.24
N TRP A 94 15.44 -2.95 7.86
CA TRP A 94 15.38 -1.57 7.42
C TRP A 94 15.12 -1.42 5.92
N ASN A 95 15.62 -2.36 5.12
CA ASN A 95 15.64 -2.22 3.66
C ASN A 95 14.22 -2.30 3.11
N VAL A 96 13.73 -1.21 2.53
CA VAL A 96 12.35 -1.18 2.07
C VAL A 96 12.10 -2.11 0.88
N ASP A 97 13.17 -2.49 0.20
CA ASP A 97 13.06 -3.28 -1.03
C ASP A 97 12.67 -4.73 -0.75
N VAL A 98 12.76 -5.13 0.52
CA VAL A 98 12.36 -6.46 0.90
C VAL A 98 11.20 -6.46 1.85
N ARG A 99 10.65 -5.30 2.13
CA ARG A 99 9.58 -5.20 3.14
C ARG A 99 8.38 -6.12 2.88
N ASN A 100 7.94 -6.18 1.63
CA ASN A 100 6.73 -6.90 1.32
C ASN A 100 6.99 -8.40 1.33
N ASP A 101 8.24 -8.78 1.43
CA ASP A 101 8.58 -10.19 1.58
C ASP A 101 8.29 -10.76 2.95
N TRP A 102 8.19 -9.91 3.98
CA TRP A 102 7.94 -10.44 5.31
C TRP A 102 6.82 -9.74 6.06
N GLU A 103 6.66 -8.44 5.84
CA GLU A 103 5.64 -7.67 6.55
C GLU A 103 4.21 -8.01 6.09
N THR A 104 3.29 -8.26 7.03
CA THR A 104 1.93 -8.69 6.69
C THR A 104 0.81 -7.78 7.21
N THR A 105 1.15 -6.69 7.91
CA THR A 105 0.14 -5.91 8.56
C THR A 105 -0.12 -4.61 7.84
N ILE A 106 0.55 -4.42 6.71
CA ILE A 106 0.55 -3.17 5.98
C ILE A 106 -0.41 -3.30 4.77
N GLU A 107 -1.14 -2.22 4.51
CA GLU A 107 -1.94 -2.15 3.27
C GLU A 107 -1.06 -1.61 2.14
N ASN A 108 -0.56 -0.38 2.30
CA ASN A 108 0.34 0.29 1.36
C ASN A 108 1.42 1.04 2.18
N PHE A 109 2.54 1.39 1.58
CA PHE A 109 3.53 2.25 2.20
C PHE A 109 4.31 2.87 1.07
N HIS A 110 4.97 4.02 1.28
CA HIS A 110 5.96 4.58 0.36
C HIS A 110 6.98 5.41 1.12
N VAL A 111 8.13 5.68 0.50
CA VAL A 111 9.14 6.52 1.11
C VAL A 111 8.88 7.98 0.75
N VAL A 112 8.69 8.82 1.78
CA VAL A 112 8.39 10.24 1.64
C VAL A 112 9.65 11.03 1.38
N GLU A 113 10.69 10.70 2.12
CA GLU A 113 11.96 11.38 1.97
C GLU A 113 13.14 10.49 2.31
N THR A 114 14.23 10.65 1.58
CA THR A 114 15.51 10.07 1.93
C THR A 114 16.38 11.14 2.58
N LEU A 115 16.76 10.94 3.85
CA LEU A 115 17.55 11.92 4.60
C LEU A 115 19.06 11.70 4.46
N ALA A 116 19.47 10.42 4.50
CA ALA A 116 20.85 10.04 4.29
C ALA A 116 20.93 8.60 3.74
N ASP A 117 22.12 8.00 3.69
CA ASP A 117 22.29 6.62 3.20
C ASP A 117 21.57 5.67 4.17
N ASN A 118 21.48 6.08 5.43
CA ASN A 118 21.01 5.20 6.51
C ASN A 118 19.69 5.65 7.11
N ALA A 119 19.02 6.62 6.48
CA ALA A 119 17.84 7.25 7.10
C ALA A 119 16.77 7.76 6.11
N ILE A 120 15.54 7.35 6.34
CA ILE A 120 14.47 7.67 5.39
C ILE A 120 13.25 7.92 6.20
N ILE A 121 12.27 8.60 5.61
CA ILE A 121 10.96 8.71 6.23
C ILE A 121 9.93 7.93 5.44
N ILE A 122 9.05 7.23 6.16
CA ILE A 122 8.10 6.36 5.53
C ILE A 122 6.68 6.58 5.94
N TYR A 123 5.77 6.59 4.97
CA TYR A 123 4.34 6.68 5.25
C TYR A 123 3.72 5.33 4.96
N GLN A 124 2.81 4.87 5.79
CA GLN A 124 2.19 3.58 5.50
C GLN A 124 0.86 3.44 6.18
N THR A 125 0.00 2.53 5.67
CA THR A 125 -1.35 2.33 6.18
C THR A 125 -1.47 0.91 6.70
N HIS A 126 -2.06 0.68 7.85
CA HIS A 126 -2.10 -0.69 8.29
C HIS A 126 -3.49 -1.37 8.05
N LYS A 127 -3.49 -2.65 7.75
CA LYS A 127 -4.73 -3.43 7.69
C LYS A 127 -5.43 -3.25 9.01
N ARG A 128 -6.75 -3.44 8.99
CA ARG A 128 -7.55 -3.20 10.16
C ARG A 128 -7.47 -4.34 11.18
N VAL A 129 -6.29 -4.53 11.75
CA VAL A 129 -6.10 -5.59 12.72
C VAL A 129 -6.86 -5.28 14.03
N TRP A 130 -7.30 -4.03 14.18
CA TRP A 130 -8.07 -3.65 15.37
C TRP A 130 -9.58 -3.49 15.09
N PRO A 131 -10.44 -3.65 16.14
CA PRO A 131 -11.85 -3.28 15.98
C PRO A 131 -12.05 -1.76 16.03
N ALA A 132 -11.55 -1.05 15.02
CA ALA A 132 -11.58 0.42 14.99
C ALA A 132 -11.24 0.92 13.61
N SER A 133 -11.14 2.24 13.45
CA SER A 133 -10.81 2.87 12.14
C SER A 133 -9.40 2.52 11.71
N GLN A 134 -9.14 2.51 10.40
CA GLN A 134 -7.82 2.19 9.91
C GLN A 134 -6.79 3.21 10.44
N ARG A 135 -5.61 2.71 10.83
CA ARG A 135 -4.46 3.55 11.21
C ARG A 135 -3.46 3.75 10.11
N ASP A 136 -2.84 4.92 10.11
CA ASP A 136 -1.60 5.11 9.36
C ASP A 136 -0.53 5.65 10.32
N VAL A 137 0.71 5.72 9.82
CA VAL A 137 1.87 6.05 10.62
C VAL A 137 2.84 6.67 9.65
N LEU A 138 3.58 7.65 10.12
CA LEU A 138 4.60 8.32 9.32
C LEU A 138 5.85 8.39 10.23
N TYR A 139 6.95 7.82 9.79
CA TYR A 139 8.11 7.61 10.69
C TYR A 139 9.43 7.70 10.00
N LEU A 140 10.42 8.18 10.75
CA LEU A 140 11.80 8.10 10.35
C LEU A 140 12.29 6.71 10.66
N SER A 141 13.01 6.11 9.73
CA SER A 141 13.53 4.77 9.95
C SER A 141 15.00 4.89 9.69
N VAL A 142 15.80 4.59 10.71
CA VAL A 142 17.26 4.81 10.67
C VAL A 142 18.02 3.57 11.15
N ILE A 143 19.04 3.23 10.40
CA ILE A 143 19.94 2.13 10.78
C ILE A 143 21.33 2.65 11.20
N ARG A 144 21.75 2.23 12.39
CA ARG A 144 23.04 2.67 12.92
C ARG A 144 23.80 1.51 13.56
N LYS A 145 25.12 1.58 13.53
CA LYS A 145 25.97 0.66 14.31
C LYS A 145 26.55 1.37 15.49
N ILE A 146 26.52 0.72 16.66
CA ILE A 146 27.08 1.26 17.89
C ILE A 146 28.34 0.47 18.18
N PRO A 147 29.49 1.15 18.11
CA PRO A 147 30.76 0.46 18.22
C PRO A 147 30.85 -0.19 19.58
N ALA A 148 31.63 -1.26 19.67
CA ALA A 148 31.78 -2.00 20.90
C ALA A 148 32.89 -1.33 21.71
N LEU A 149 32.82 -1.38 23.03
CA LEU A 149 33.83 -0.69 23.88
C LEU A 149 35.17 -1.43 23.89
N THR A 150 35.10 -2.77 23.84
CA THR A 150 36.26 -3.62 23.61
C THR A 150 35.93 -4.72 22.58
N GLU A 151 36.96 -5.41 22.08
CA GLU A 151 36.76 -6.53 21.17
C GLU A 151 36.25 -7.80 21.82
N ASN A 152 36.21 -7.81 23.15
CA ASN A 152 35.45 -8.79 23.92
C ASN A 152 33.93 -8.66 23.85
N ASP A 153 33.44 -7.55 23.29
CA ASP A 153 32.00 -7.23 23.31
C ASP A 153 31.51 -7.17 21.89
N PRO A 154 30.22 -7.51 21.68
CA PRO A 154 29.61 -7.34 20.33
C PRO A 154 29.41 -5.87 19.95
N GLU A 155 29.56 -5.59 18.67
CA GLU A 155 29.02 -4.36 18.15
C GLU A 155 27.50 -4.45 18.18
N THR A 156 26.85 -3.29 18.24
CA THR A 156 25.41 -3.28 18.29
C THR A 156 24.92 -2.62 17.05
N TRP A 157 24.03 -3.29 16.34
CA TRP A 157 23.28 -2.65 15.22
C TRP A 157 21.85 -2.40 15.68
N ILE A 158 21.31 -1.24 15.36
CA ILE A 158 19.96 -0.87 15.74
C ILE A 158 19.28 -0.19 14.55
N VAL A 159 18.00 -0.50 14.37
CA VAL A 159 17.08 0.25 13.49
C VAL A 159 16.05 0.84 14.43
N CYS A 160 15.93 2.16 14.41
CA CYS A 160 14.89 2.84 15.15
C CYS A 160 13.87 3.33 14.12
N ASN A 161 12.60 3.07 14.44
CA ASN A 161 11.44 3.58 13.66
C ASN A 161 10.66 4.45 14.62
N PHE A 162 10.66 5.76 14.39
CA PHE A 162 9.88 6.66 15.25
C PHE A 162 9.11 7.73 14.52
N SER A 163 7.97 8.08 15.06
CA SER A 163 7.06 8.96 14.35
C SER A 163 7.70 10.36 14.17
N VAL A 164 7.49 10.95 12.98
CA VAL A 164 7.83 12.34 12.72
C VAL A 164 6.69 12.99 11.90
N ASP A 165 6.74 14.32 11.73
CA ASP A 165 5.82 15.00 10.82
C ASP A 165 6.53 15.30 9.51
N HIS A 166 5.72 15.47 8.47
CA HIS A 166 6.21 15.84 7.17
C HIS A 166 5.05 16.51 6.42
N ASP A 167 5.44 17.49 5.60
CA ASP A 167 4.50 18.28 4.78
C ASP A 167 3.82 17.44 3.74
N SER A 168 4.54 16.51 3.14
CA SER A 168 3.98 15.71 2.07
C SER A 168 3.09 14.55 2.57
N ALA A 169 2.84 14.51 3.89
CA ALA A 169 1.87 13.58 4.47
C ALA A 169 1.16 14.17 5.70
N PRO A 170 0.29 15.18 5.46
CA PRO A 170 -0.47 15.79 6.57
C PRO A 170 -1.47 14.80 7.14
N LEU A 171 -2.07 15.12 8.26
CA LEU A 171 -3.08 14.23 8.77
C LEU A 171 -4.04 13.86 7.63
N ASN A 172 -4.28 12.56 7.50
CA ASN A 172 -5.27 12.03 6.58
C ASN A 172 -6.66 12.29 7.20
N ASN A 173 -7.72 12.15 6.42
CA ASN A 173 -9.07 12.35 6.94
C ASN A 173 -9.80 11.03 7.17
N ARG A 174 -9.32 9.98 6.49
CA ARG A 174 -9.86 8.62 6.65
C ARG A 174 -9.13 7.77 7.69
N CYS A 175 -7.82 7.94 7.81
CA CYS A 175 -7.07 7.11 8.77
C CYS A 175 -6.77 7.86 10.04
N VAL A 176 -6.75 7.11 11.15
CA VAL A 176 -6.30 7.62 12.42
C VAL A 176 -4.77 7.51 12.47
N ARG A 177 -4.10 8.61 12.83
CA ARG A 177 -2.65 8.64 12.77
C ARG A 177 -2.10 8.05 14.09
N ALA A 178 -1.54 6.85 14.00
CA ALA A 178 -0.79 6.21 15.09
C ALA A 178 0.59 6.86 15.27
N LYS A 179 1.14 6.76 16.48
CA LYS A 179 2.52 7.24 16.76
C LYS A 179 3.38 6.09 17.31
N ILE A 180 4.56 5.90 16.76
CA ILE A 180 5.38 4.79 17.21
C ILE A 180 6.76 5.18 17.71
N ASN A 181 7.28 4.37 18.62
CA ASN A 181 8.71 4.40 18.92
C ASN A 181 9.17 2.95 18.97
N VAL A 182 9.93 2.51 17.97
CA VAL A 182 10.24 1.09 17.82
C VAL A 182 11.72 0.96 17.59
N ALA A 183 12.30 -0.11 18.11
CA ALA A 183 13.69 -0.42 17.82
C ALA A 183 13.95 -1.92 17.70
N MET A 184 14.76 -2.27 16.71
CA MET A 184 15.23 -3.63 16.53
C MET A 184 16.73 -3.56 16.90
N ILE A 185 17.12 -4.14 18.04
CA ILE A 185 18.50 -4.04 18.47
C ILE A 185 19.20 -5.39 18.43
N CYS A 186 20.30 -5.50 17.71
CA CYS A 186 20.89 -6.81 17.47
C CYS A 186 22.40 -6.84 17.73
N GLN A 187 22.84 -7.88 18.42
CA GLN A 187 24.27 -8.15 18.66
C GLN A 187 24.61 -9.59 18.23
N THR A 188 25.74 -9.77 17.54
CA THR A 188 26.17 -11.07 17.05
C THR A 188 27.12 -11.74 18.05
N LEU A 189 26.81 -12.96 18.46
CA LEU A 189 27.76 -13.75 19.26
C LEU A 189 28.49 -14.71 18.33
N VAL A 190 29.81 -14.82 18.48
CA VAL A 190 30.56 -15.76 17.66
C VAL A 190 31.19 -16.83 18.53
N SER A 191 31.21 -18.04 17.99
CA SER A 191 31.79 -19.15 18.69
C SER A 191 32.63 -19.86 17.63
N PRO A 192 33.88 -19.42 17.46
CA PRO A 192 34.70 -20.02 16.43
C PRO A 192 35.04 -21.48 16.78
N PRO A 193 35.15 -22.35 15.78
CA PRO A 193 35.42 -23.76 16.05
C PRO A 193 36.90 -23.97 16.41
N GLU A 194 37.25 -25.09 17.04
CA GLU A 194 38.63 -25.27 17.55
C GLU A 194 39.68 -25.59 16.47
N GLY A 195 39.27 -26.25 15.38
CA GLY A 195 40.24 -26.91 14.49
C GLY A 195 40.77 -26.18 13.26
N ASN A 196 40.80 -26.91 12.15
CA ASN A 196 41.33 -26.44 10.86
C ASN A 196 40.27 -25.68 10.01
N GLN A 197 39.05 -25.53 10.55
CA GLN A 197 37.91 -24.93 9.82
C GLN A 197 37.76 -23.40 9.92
N GLU A 198 37.24 -22.81 8.84
CA GLU A 198 36.82 -21.41 8.90
C GLU A 198 35.46 -21.31 9.61
N ILE A 199 35.21 -20.18 10.26
CA ILE A 199 33.88 -19.81 10.80
C ILE A 199 32.82 -20.06 9.75
N SER A 200 31.71 -20.67 10.16
CA SER A 200 30.56 -20.79 9.25
C SER A 200 29.35 -20.23 9.98
N ARG A 201 28.18 -20.33 9.38
CA ARG A 201 26.96 -19.80 10.00
C ARG A 201 26.54 -20.67 11.17
N ASP A 202 27.13 -21.85 11.26
CA ASP A 202 26.84 -22.70 12.42
C ASP A 202 27.55 -22.15 13.65
N ASN A 203 28.45 -21.20 13.43
CA ASN A 203 29.25 -20.63 14.52
C ASN A 203 28.81 -19.24 14.99
N ILE A 204 27.66 -18.77 14.53
CA ILE A 204 27.17 -17.43 14.89
C ILE A 204 25.71 -17.46 15.33
N LEU A 205 25.34 -16.49 16.14
CA LEU A 205 24.01 -16.43 16.75
C LEU A 205 23.67 -14.97 16.99
N CYS A 206 22.54 -14.53 16.45
CA CYS A 206 22.11 -13.14 16.64
C CYS A 206 21.18 -13.04 17.81
N LYS A 207 21.55 -12.21 18.79
CA LYS A 207 20.68 -11.89 19.92
C LYS A 207 19.88 -10.64 19.60
N ILE A 208 18.56 -10.73 19.70
CA ILE A 208 17.70 -9.62 19.29
C ILE A 208 16.92 -9.10 20.48
N THR A 209 16.91 -7.79 20.62
CA THR A 209 15.91 -7.11 21.44
C THR A 209 15.09 -6.25 20.49
N TYR A 210 13.76 -6.45 20.53
CA TYR A 210 12.85 -5.66 19.73
C TYR A 210 11.88 -4.98 20.68
N VAL A 211 11.84 -3.66 20.66
CA VAL A 211 10.89 -2.92 21.51
C VAL A 211 9.86 -2.13 20.64
N ALA A 212 8.62 -2.14 21.04
CA ALA A 212 7.63 -1.35 20.27
C ALA A 212 6.76 -0.58 21.22
N ASN A 213 6.72 0.74 21.07
CA ASN A 213 5.76 1.56 21.81
C ASN A 213 4.89 2.23 20.76
N VAL A 214 3.64 1.79 20.70
CA VAL A 214 2.68 2.26 19.70
C VAL A 214 1.51 2.94 20.40
N ASN A 215 1.23 4.17 19.97
CA ASN A 215 0.05 4.90 20.40
C ASN A 215 -0.98 4.77 19.30
N PRO A 216 -2.09 4.07 19.61
CA PRO A 216 -3.09 3.73 18.57
C PRO A 216 -3.80 4.97 18.03
N GLY A 217 -3.67 6.10 18.73
CA GLY A 217 -4.15 7.39 18.26
C GLY A 217 -5.62 7.64 18.55
N GLY A 218 -6.21 6.76 19.35
CA GLY A 218 -7.60 6.88 19.78
C GLY A 218 -8.03 5.55 20.36
N TRP A 219 -9.24 5.49 20.91
CA TRP A 219 -9.71 4.35 21.72
C TRP A 219 -10.03 3.11 20.91
N ALA A 220 -9.79 1.95 21.52
CA ALA A 220 -10.25 0.66 21.02
C ALA A 220 -10.35 -0.23 22.25
N PRO A 221 -11.21 -1.23 22.22
CA PRO A 221 -11.32 -1.98 23.47
C PRO A 221 -9.98 -2.64 23.82
N ALA A 222 -9.52 -2.49 25.05
CA ALA A 222 -8.18 -2.90 25.43
C ALA A 222 -7.94 -4.40 25.30
N SER A 223 -8.92 -5.18 25.79
CA SER A 223 -8.86 -6.64 25.78
C SER A 223 -8.48 -7.16 24.41
N VAL A 224 -9.05 -6.53 23.37
CA VAL A 224 -8.81 -6.87 21.99
C VAL A 224 -7.45 -6.42 21.48
N LEU A 225 -7.01 -5.21 21.86
CA LEU A 225 -5.71 -4.71 21.40
C LEU A 225 -4.59 -5.58 21.93
N ARG A 226 -4.76 -6.06 23.15
CA ARG A 226 -3.77 -6.87 23.78
C ARG A 226 -3.75 -8.25 23.11
N ALA A 227 -4.94 -8.75 22.75
CA ALA A 227 -5.05 -10.00 22.01
C ALA A 227 -4.28 -9.90 20.69
N VAL A 228 -4.52 -8.82 19.95
CA VAL A 228 -3.88 -8.60 18.66
C VAL A 228 -2.35 -8.49 18.82
N ALA A 229 -1.90 -7.74 19.81
CA ALA A 229 -0.47 -7.62 20.08
C ALA A 229 0.10 -8.98 20.44
N LYS A 230 -0.58 -9.75 21.29
CA LYS A 230 -0.10 -11.06 21.65
C LYS A 230 0.01 -11.95 20.41
N ARG A 231 -0.85 -11.75 19.42
CA ARG A 231 -0.86 -12.61 18.25
C ARG A 231 0.12 -12.15 17.17
N GLU A 232 0.09 -10.85 16.90
CA GLU A 232 0.79 -10.25 15.76
C GLU A 232 2.30 -10.02 15.91
N TYR A 233 2.77 -9.56 17.06
CA TYR A 233 4.23 -9.45 17.27
C TYR A 233 5.02 -10.76 17.19
N PRO A 234 4.59 -11.81 17.92
CA PRO A 234 5.34 -13.07 17.75
C PRO A 234 5.25 -13.65 16.32
N LYS A 235 4.12 -13.50 15.66
CA LYS A 235 4.02 -13.90 14.27
C LYS A 235 5.07 -13.17 13.42
N PHE A 236 5.12 -11.86 13.55
CA PHE A 236 6.10 -11.05 12.83
C PHE A 236 7.54 -11.51 13.10
N LEU A 237 7.89 -11.62 14.37
CA LEU A 237 9.28 -11.97 14.71
C LEU A 237 9.72 -13.34 14.17
N LYS A 238 8.85 -14.34 14.25
CA LYS A 238 9.11 -15.65 13.60
C LYS A 238 9.27 -15.60 12.10
N ARG A 239 8.33 -14.99 11.42
CA ARG A 239 8.43 -14.90 9.98
C ARG A 239 9.59 -14.02 9.51
N PHE A 240 9.72 -12.82 10.11
CA PHE A 240 10.88 -11.99 9.80
C PHE A 240 12.19 -12.69 10.12
N THR A 241 12.37 -13.22 11.32
CA THR A 241 13.67 -13.84 11.57
C THR A 241 13.96 -15.03 10.65
N SER A 242 12.96 -15.89 10.45
CA SER A 242 13.06 -17.01 9.50
C SER A 242 13.44 -16.56 8.11
N TYR A 243 12.90 -15.42 7.71
CA TYR A 243 13.16 -14.90 6.38
C TYR A 243 14.62 -14.47 6.28
N VAL A 244 15.15 -13.87 7.34
CA VAL A 244 16.57 -13.49 7.31
C VAL A 244 17.44 -14.76 7.23
N GLN A 245 17.04 -15.82 7.93
CA GLN A 245 17.77 -17.10 7.89
C GLN A 245 17.78 -17.65 6.46
N GLU A 246 16.60 -17.73 5.84
CA GLU A 246 16.46 -18.12 4.43
C GLU A 246 17.38 -17.32 3.50
N LYS A 247 17.22 -16.00 3.54
CA LYS A 247 17.89 -15.14 2.58
C LYS A 247 19.41 -15.12 2.76
N THR A 248 19.90 -15.45 3.95
CA THR A 248 21.35 -15.43 4.15
C THR A 248 21.99 -16.80 4.04
N ALA A 249 21.19 -17.85 4.04
CA ALA A 249 21.72 -19.21 4.15
C ALA A 249 22.64 -19.50 3.01
N GLY A 250 23.87 -19.86 3.34
CA GLY A 250 24.84 -20.33 2.36
C GLY A 250 25.71 -19.22 1.85
N LYS A 251 25.44 -18.02 2.36
CA LYS A 251 26.13 -16.80 1.93
C LYS A 251 27.20 -16.37 2.93
N PRO A 252 28.23 -15.64 2.43
CA PRO A 252 29.30 -15.18 3.29
C PRO A 252 28.74 -14.24 4.33
N ILE A 253 29.30 -14.34 5.54
CA ILE A 253 28.83 -13.65 6.72
C ILE A 253 29.20 -12.17 6.76
N LEU A 254 28.20 -11.33 7.07
CA LEU A 254 28.32 -9.87 7.07
C LEU A 254 28.21 -9.44 8.51
N PHE A 255 29.35 -9.16 9.13
CA PHE A 255 29.40 -8.81 10.53
C PHE A 255 29.08 -7.37 10.80
N HIS B 22 -0.02 22.32 -21.40
CA HIS B 22 -1.50 22.63 -21.61
C HIS B 22 -2.21 23.18 -20.34
N ARG B 23 -3.39 23.78 -20.53
CA ARG B 23 -4.05 24.48 -19.43
C ARG B 23 -4.61 23.63 -18.27
N PHE B 24 -4.79 22.32 -18.47
CA PHE B 24 -5.31 21.54 -17.34
C PHE B 24 -4.23 20.77 -16.53
N VAL B 25 -2.95 21.03 -16.75
CA VAL B 25 -1.90 20.17 -16.16
C VAL B 25 -1.99 20.08 -14.67
N GLN B 26 -2.32 21.22 -14.03
CA GLN B 26 -2.45 21.21 -12.57
C GLN B 26 -3.62 20.40 -12.07
N LYS B 27 -4.74 20.48 -12.78
CA LYS B 27 -5.88 19.67 -12.43
C LYS B 27 -5.53 18.19 -12.62
N VAL B 28 -4.89 17.86 -13.76
CA VAL B 28 -4.50 16.50 -14.06
C VAL B 28 -3.63 15.92 -12.95
N GLU B 29 -2.58 16.66 -12.58
CA GLU B 29 -1.66 16.22 -11.54
C GLU B 29 -2.37 15.98 -10.23
N GLU B 30 -3.31 16.85 -9.91
CA GLU B 30 -4.06 16.73 -8.67
C GLU B 30 -5.07 15.57 -8.65
N MET B 31 -5.81 15.38 -9.72
CA MET B 31 -6.70 14.21 -9.81
C MET B 31 -5.92 12.89 -9.73
N VAL B 32 -4.78 12.85 -10.39
CA VAL B 32 -3.95 11.68 -10.47
C VAL B 32 -3.32 11.48 -9.10
N GLN B 33 -2.81 12.53 -8.51
CA GLN B 33 -2.22 12.37 -7.18
C GLN B 33 -3.29 11.97 -6.18
N ASN B 34 -4.47 12.57 -6.28
CA ASN B 34 -5.57 12.21 -5.41
C ASN B 34 -6.01 10.76 -5.55
N HIS B 35 -6.00 10.23 -6.77
CA HIS B 35 -6.34 8.82 -6.96
C HIS B 35 -5.26 7.93 -6.38
N MET B 36 -4.00 8.23 -6.67
CA MET B 36 -2.90 7.42 -6.16
C MET B 36 -2.86 7.39 -4.66
N THR B 37 -3.40 8.42 -4.02
CA THR B 37 -3.34 8.51 -2.56
C THR B 37 -4.53 7.86 -1.90
N TYR B 38 -5.70 7.98 -2.53
CA TYR B 38 -6.93 7.53 -1.90
C TYR B 38 -7.63 6.36 -2.56
N SER B 39 -7.42 6.15 -3.84
CA SER B 39 -8.29 5.21 -4.56
C SER B 39 -7.80 3.78 -4.38
N LEU B 40 -6.66 3.65 -3.70
CA LEU B 40 -6.05 2.35 -3.56
C LEU B 40 -6.23 1.77 -2.17
N GLN B 41 -7.07 2.39 -1.36
CA GLN B 41 -7.36 1.87 -0.03
C GLN B 41 -8.30 0.71 -0.14
N ASP B 42 -8.08 -0.30 0.70
CA ASP B 42 -8.93 -1.48 0.68
C ASP B 42 -10.33 -1.09 1.14
N VAL B 43 -11.34 -1.52 0.39
CA VAL B 43 -12.70 -1.26 0.83
C VAL B 43 -13.37 -2.52 1.39
N GLY B 44 -12.75 -3.66 1.12
CA GLY B 44 -13.20 -4.97 1.57
C GLY B 44 -13.36 -5.02 3.08
N GLY B 45 -12.59 -4.18 3.76
CA GLY B 45 -12.62 -4.15 5.22
C GLY B 45 -13.27 -2.88 5.72
N ASP B 46 -13.64 -2.01 4.78
CA ASP B 46 -14.30 -0.77 5.16
C ASP B 46 -15.80 -0.97 5.26
N ALA B 47 -16.28 -0.90 6.49
CA ALA B 47 -17.65 -1.24 6.79
C ALA B 47 -18.57 -0.16 6.29
N ASN B 48 -18.03 0.90 5.70
CA ASN B 48 -18.89 1.95 5.10
C ASN B 48 -19.16 1.63 3.63
N TRP B 49 -18.40 0.67 3.09
CA TRP B 49 -18.59 0.25 1.73
C TRP B 49 -19.37 -1.08 1.70
N GLN B 50 -20.04 -1.39 0.60
CA GLN B 50 -20.78 -2.66 0.53
C GLN B 50 -20.35 -3.35 -0.73
N LEU B 51 -19.97 -4.62 -0.61
CA LEU B 51 -19.68 -5.43 -1.75
C LEU B 51 -21.04 -5.76 -2.41
N VAL B 52 -21.30 -5.14 -3.55
CA VAL B 52 -22.60 -5.32 -4.18
C VAL B 52 -22.65 -6.36 -5.30
N VAL B 53 -21.54 -6.59 -6.00
CA VAL B 53 -21.49 -7.58 -7.05
C VAL B 53 -20.15 -8.27 -6.98
N GLU B 54 -20.14 -9.59 -7.16
CA GLU B 54 -18.88 -10.32 -7.25
C GLU B 54 -19.05 -11.37 -8.32
N GLU B 55 -18.02 -11.58 -9.12
CA GLU B 55 -18.07 -12.63 -10.12
C GLU B 55 -16.65 -12.95 -10.50
N GLY B 56 -16.23 -14.21 -10.36
CA GLY B 56 -14.82 -14.54 -10.65
C GLY B 56 -13.89 -13.71 -9.76
N GLU B 57 -12.84 -13.12 -10.35
CA GLU B 57 -11.86 -12.24 -9.67
C GLU B 57 -12.34 -10.79 -9.47
N MET B 58 -13.56 -10.47 -9.92
CA MET B 58 -14.06 -9.09 -9.87
C MET B 58 -15.00 -8.85 -8.67
N LYS B 59 -14.78 -7.75 -7.97
CA LYS B 59 -15.61 -7.38 -6.84
C LYS B 59 -15.95 -5.93 -7.06
N VAL B 60 -17.21 -5.56 -6.85
CA VAL B 60 -17.65 -4.21 -7.09
C VAL B 60 -18.32 -3.74 -5.84
N TYR B 61 -17.92 -2.57 -5.38
CA TYR B 61 -18.33 -2.08 -4.10
C TYR B 61 -18.89 -0.70 -4.32
N ARG B 62 -19.67 -0.24 -3.37
CA ARG B 62 -20.05 1.12 -3.44
C ARG B 62 -20.30 1.58 -2.04
N ARG B 63 -20.34 2.90 -1.89
CA ARG B 63 -20.63 3.53 -0.63
C ARG B 63 -21.84 4.41 -0.88
N GLU B 64 -22.91 4.23 -0.12
CA GLU B 64 -24.12 5.00 -0.36
C GLU B 64 -23.92 6.44 0.18
N VAL B 65 -23.97 7.40 -0.73
CA VAL B 65 -23.84 8.80 -0.39
C VAL B 65 -24.94 9.56 -1.08
N GLU B 66 -25.66 10.42 -0.35
CA GLU B 66 -26.55 11.42 -0.96
C GLU B 66 -26.24 12.82 -0.44
N GLU B 67 -26.02 13.76 -1.36
CA GLU B 67 -25.81 15.17 -1.03
C GLU B 67 -26.90 16.04 -1.69
N ASN B 68 -27.55 16.87 -0.87
CA ASN B 68 -28.74 17.65 -1.26
C ASN B 68 -29.84 16.82 -1.97
N GLY B 69 -30.13 15.64 -1.44
CA GLY B 69 -31.14 14.77 -2.02
C GLY B 69 -30.69 13.90 -3.19
N ILE B 70 -29.47 14.16 -3.69
CA ILE B 70 -28.95 13.49 -4.91
C ILE B 70 -28.06 12.26 -4.62
N VAL B 71 -28.27 11.15 -5.34
CA VAL B 71 -27.44 9.93 -5.19
C VAL B 71 -26.07 10.06 -5.86
N LEU B 72 -25.02 9.99 -5.05
CA LEU B 72 -23.66 10.17 -5.57
C LEU B 72 -22.77 8.95 -5.44
N ASP B 73 -23.30 7.86 -4.86
CA ASP B 73 -22.53 6.64 -4.55
C ASP B 73 -21.22 6.47 -5.26
N PRO B 74 -20.11 6.71 -4.55
CA PRO B 74 -18.82 6.28 -5.01
C PRO B 74 -18.83 4.79 -5.34
N LEU B 75 -18.16 4.40 -6.43
CA LEU B 75 -18.02 3.02 -6.77
C LEU B 75 -16.54 2.70 -6.94
N LYS B 76 -16.16 1.54 -6.39
CA LYS B 76 -14.86 0.96 -6.59
C LYS B 76 -14.97 -0.51 -6.99
N ALA B 77 -14.29 -0.85 -8.06
CA ALA B 77 -14.13 -2.23 -8.45
C ALA B 77 -12.66 -2.63 -8.42
N THR B 78 -12.40 -3.91 -8.11
CA THR B 78 -11.08 -4.49 -8.19
C THR B 78 -11.17 -5.75 -9.02
N HIS B 79 -10.13 -5.99 -9.81
CA HIS B 79 -10.08 -7.14 -10.71
C HIS B 79 -8.63 -7.60 -10.84
N ALA B 80 -8.45 -8.77 -11.42
CA ALA B 80 -7.14 -9.36 -11.65
C ALA B 80 -7.28 -10.12 -12.95
N VAL B 81 -6.53 -9.71 -13.97
CA VAL B 81 -6.66 -10.24 -15.33
C VAL B 81 -5.37 -10.87 -15.80
N LYS B 82 -5.40 -12.18 -16.09
CA LYS B 82 -4.20 -12.90 -16.46
C LYS B 82 -3.82 -12.56 -17.88
N GLY B 83 -2.51 -12.47 -18.08
CA GLY B 83 -1.97 -12.49 -19.43
C GLY B 83 -1.93 -11.13 -20.10
N VAL B 84 -2.14 -10.06 -19.33
CA VAL B 84 -2.04 -8.70 -19.86
C VAL B 84 -1.30 -7.77 -18.88
N THR B 85 -0.75 -6.67 -19.37
CA THR B 85 -0.09 -5.72 -18.51
C THR B 85 -0.97 -4.50 -18.19
N GLY B 86 -0.57 -3.78 -17.15
CA GLY B 86 -1.24 -2.54 -16.79
C GLY B 86 -1.12 -1.55 -17.95
N HIS B 87 -0.01 -1.60 -18.66
CA HIS B 87 0.21 -0.63 -19.72
C HIS B 87 -0.75 -0.91 -20.89
N GLU B 88 -0.94 -2.19 -21.22
CA GLU B 88 -1.89 -2.58 -22.26
C GLU B 88 -3.33 -2.26 -21.86
N VAL B 89 -3.68 -2.52 -20.61
CA VAL B 89 -5.03 -2.30 -20.16
C VAL B 89 -5.40 -0.81 -20.20
N CYS B 90 -4.52 0.02 -19.65
CA CYS B 90 -4.78 1.43 -19.67
C CYS B 90 -4.79 1.92 -21.12
N ASN B 91 -3.86 1.46 -21.96
CA ASN B 91 -3.85 1.85 -23.38
C ASN B 91 -5.20 1.65 -24.09
N TYR B 92 -5.81 0.49 -23.86
CA TYR B 92 -7.04 0.09 -24.52
C TYR B 92 -8.23 0.82 -23.92
N PHE B 93 -8.19 1.07 -22.61
CA PHE B 93 -9.21 1.88 -21.97
C PHE B 93 -9.24 3.32 -22.50
N TRP B 94 -8.05 3.85 -22.79
CA TRP B 94 -7.81 5.26 -23.11
C TRP B 94 -8.00 5.53 -24.58
N ASN B 95 -7.64 4.56 -25.39
CA ASN B 95 -7.43 4.74 -26.80
C ASN B 95 -8.78 4.86 -27.53
N VAL B 96 -9.13 6.06 -27.99
CA VAL B 96 -10.44 6.25 -28.62
C VAL B 96 -10.71 5.39 -29.88
N ASP B 97 -9.67 4.92 -30.55
CA ASP B 97 -9.88 4.15 -31.82
C ASP B 97 -10.55 2.81 -31.60
N VAL B 98 -10.55 2.31 -30.37
CA VAL B 98 -11.11 0.98 -30.05
C VAL B 98 -12.30 1.04 -29.12
N ARG B 99 -12.63 2.24 -28.66
CA ARG B 99 -13.76 2.45 -27.74
C ARG B 99 -15.00 1.66 -28.14
N ASN B 100 -15.28 1.71 -29.43
CA ASN B 100 -16.53 1.17 -29.94
C ASN B 100 -16.56 -0.37 -29.95
N ASP B 101 -15.38 -0.99 -29.86
CA ASP B 101 -15.26 -2.44 -29.81
C ASP B 101 -15.67 -3.00 -28.47
N TRP B 102 -15.59 -2.20 -27.42
CA TRP B 102 -15.97 -2.73 -26.12
C TRP B 102 -17.08 -2.01 -25.40
N GLU B 103 -17.19 -0.70 -25.62
CA GLU B 103 -18.17 0.09 -24.87
C GLU B 103 -19.59 -0.12 -25.46
N THR B 104 -20.58 -0.30 -24.59
CA THR B 104 -21.92 -0.63 -25.04
C THR B 104 -22.97 0.44 -24.66
N THR B 105 -22.60 1.44 -23.84
CA THR B 105 -23.56 2.42 -23.36
C THR B 105 -23.44 3.75 -24.10
N ILE B 106 -22.70 3.77 -25.19
CA ILE B 106 -22.37 4.99 -25.92
C ILE B 106 -23.27 5.08 -27.18
N GLU B 107 -23.91 6.23 -27.41
CA GLU B 107 -24.69 6.40 -28.63
C GLU B 107 -23.77 7.03 -29.65
N ASN B 108 -23.08 8.11 -29.28
CA ASN B 108 -22.03 8.68 -30.10
C ASN B 108 -20.95 9.35 -29.23
N PHE B 109 -19.76 9.57 -29.77
CA PHE B 109 -18.74 10.35 -29.03
C PHE B 109 -17.81 10.94 -30.04
N HIS B 110 -17.14 12.03 -29.69
CA HIS B 110 -16.00 12.49 -30.48
C HIS B 110 -14.94 13.18 -29.62
N VAL B 111 -13.70 13.20 -30.06
CA VAL B 111 -12.67 13.99 -29.38
C VAL B 111 -12.89 15.50 -29.64
N VAL B 112 -13.13 16.29 -28.62
CA VAL B 112 -13.25 17.75 -28.79
C VAL B 112 -11.90 18.42 -29.04
N GLU B 113 -10.88 17.91 -28.37
CA GLU B 113 -9.61 18.59 -28.38
C GLU B 113 -8.58 17.65 -27.87
N THR B 114 -7.43 17.72 -28.52
CA THR B 114 -6.20 17.05 -28.10
C THR B 114 -5.31 18.07 -27.40
N LEU B 115 -5.03 17.81 -26.13
CA LEU B 115 -4.22 18.65 -25.27
C LEU B 115 -2.75 18.29 -25.30
N ALA B 116 -2.48 16.99 -25.48
CA ALA B 116 -1.13 16.46 -25.43
C ALA B 116 -1.16 15.03 -25.92
N ASP B 117 0.04 14.48 -26.15
CA ASP B 117 0.14 13.10 -26.62
C ASP B 117 -0.65 12.16 -25.68
N ASN B 118 -0.81 12.53 -24.41
CA ASN B 118 -1.48 11.65 -23.45
C ASN B 118 -2.82 12.16 -22.92
N ALA B 119 -3.35 13.23 -23.48
CA ALA B 119 -4.52 13.87 -22.85
C ALA B 119 -5.49 14.42 -23.88
N ILE B 120 -6.76 14.06 -23.78
CA ILE B 120 -7.75 14.54 -24.78
C ILE B 120 -9.00 14.94 -24.03
N ILE B 121 -9.83 15.74 -24.67
CA ILE B 121 -11.15 16.03 -24.14
C ILE B 121 -12.19 15.36 -25.02
N ILE B 122 -13.05 14.57 -24.39
CA ILE B 122 -14.06 13.83 -25.13
C ILE B 122 -15.46 14.31 -24.80
N TYR B 123 -16.30 14.47 -25.83
CA TYR B 123 -17.71 14.64 -25.60
C TYR B 123 -18.44 13.31 -25.89
N GLN B 124 -19.35 12.87 -25.05
CA GLN B 124 -20.09 11.71 -25.53
C GLN B 124 -21.54 11.68 -25.05
N THR B 125 -22.40 11.04 -25.84
CA THR B 125 -23.78 10.84 -25.43
C THR B 125 -23.96 9.37 -25.11
N HIS B 126 -24.78 9.10 -24.11
CA HIS B 126 -25.03 7.74 -23.69
C HIS B 126 -26.40 7.23 -24.13
N LYS B 127 -26.45 5.95 -24.49
CA LYS B 127 -27.74 5.30 -24.69
C LYS B 127 -28.43 5.51 -23.38
N ARG B 128 -29.76 5.52 -23.38
CA ARG B 128 -30.49 5.62 -22.14
C ARG B 128 -30.44 4.27 -21.41
N VAL B 129 -29.92 4.23 -20.19
CA VAL B 129 -29.86 2.99 -19.45
C VAL B 129 -30.85 2.96 -18.30
N TRP B 130 -31.59 4.05 -18.12
CA TRP B 130 -32.84 3.95 -17.38
C TRP B 130 -33.85 4.82 -18.15
N PRO B 131 -35.13 4.74 -17.78
CA PRO B 131 -36.13 5.49 -18.56
C PRO B 131 -36.17 6.98 -18.20
N ALA B 132 -35.38 7.79 -18.91
CA ALA B 132 -35.22 9.23 -18.62
C ALA B 132 -34.50 9.81 -19.81
N SER B 133 -34.22 11.12 -19.75
CA SER B 133 -33.46 11.73 -20.85
C SER B 133 -32.07 11.15 -20.92
N GLN B 134 -31.49 11.24 -22.10
CA GLN B 134 -30.15 10.84 -22.35
C GLN B 134 -29.21 11.74 -21.53
N ARG B 135 -28.12 11.16 -21.03
CA ARG B 135 -27.06 11.92 -20.38
C ARG B 135 -25.98 12.12 -21.39
N ASP B 136 -25.32 13.28 -21.38
CA ASP B 136 -24.05 13.39 -22.08
C ASP B 136 -22.94 13.68 -21.09
N VAL B 137 -21.71 13.69 -21.56
CA VAL B 137 -20.59 13.90 -20.69
C VAL B 137 -19.44 14.47 -21.47
N LEU B 138 -18.72 15.36 -20.81
CA LEU B 138 -17.61 16.01 -21.43
C LEU B 138 -16.44 15.95 -20.45
N TYR B 139 -15.38 15.26 -20.85
CA TYR B 139 -14.36 14.92 -19.86
C TYR B 139 -12.99 14.92 -20.47
N LEU B 140 -12.01 15.32 -19.66
CA LEU B 140 -10.62 15.19 -20.02
C LEU B 140 -10.27 13.73 -19.70
N SER B 141 -9.59 13.08 -20.63
CA SER B 141 -9.13 11.73 -20.47
C SER B 141 -7.61 11.70 -20.64
N VAL B 142 -6.90 11.23 -19.61
CA VAL B 142 -5.47 11.27 -19.61
C VAL B 142 -4.83 9.99 -19.08
N ILE B 143 -3.73 9.62 -19.71
CA ILE B 143 -3.07 8.39 -19.36
C ILE B 143 -1.68 8.67 -18.83
N ARG B 144 -1.34 8.13 -17.68
CA ARG B 144 -0.03 8.41 -17.14
C ARG B 144 0.63 7.16 -16.55
N LYS B 145 1.97 7.09 -16.64
CA LYS B 145 2.73 6.08 -15.88
C LYS B 145 3.19 6.70 -14.56
N ILE B 146 2.95 6.00 -13.45
CA ILE B 146 3.48 6.41 -12.13
C ILE B 146 4.65 5.46 -11.77
N PRO B 147 5.88 5.98 -11.82
CA PRO B 147 7.01 5.05 -11.77
C PRO B 147 7.11 4.35 -10.42
N ALA B 148 7.79 3.21 -10.40
CA ALA B 148 7.96 2.42 -9.18
C ALA B 148 9.26 2.83 -8.49
N LEU B 149 9.16 3.26 -7.23
CA LEU B 149 10.34 3.76 -6.52
C LEU B 149 11.01 2.76 -5.56
N THR B 150 10.48 1.54 -5.51
CA THR B 150 11.29 0.42 -5.01
C THR B 150 11.50 -0.61 -6.12
N GLU B 151 12.49 -1.46 -5.91
CA GLU B 151 13.05 -2.23 -7.01
C GLU B 151 12.12 -3.32 -7.53
N ASN B 152 11.27 -3.87 -6.67
CA ASN B 152 10.40 -4.99 -7.09
C ASN B 152 8.91 -4.69 -7.17
N ASP B 153 8.50 -3.59 -6.53
CA ASP B 153 7.11 -3.18 -6.51
C ASP B 153 6.71 -2.54 -7.86
N PRO B 154 5.57 -2.98 -8.46
CA PRO B 154 5.32 -2.68 -9.90
C PRO B 154 5.03 -1.22 -10.18
N GLU B 155 5.32 -0.78 -11.40
CA GLU B 155 4.88 0.54 -11.83
C GLU B 155 3.37 0.56 -12.07
N THR B 156 2.82 1.76 -11.95
CA THR B 156 1.40 1.92 -12.02
C THR B 156 1.04 2.75 -13.22
N TRP B 157 0.12 2.20 -14.03
CA TRP B 157 -0.57 2.94 -15.08
C TRP B 157 -1.94 3.40 -14.59
N ILE B 158 -2.28 4.64 -14.94
CA ILE B 158 -3.58 5.22 -14.59
C ILE B 158 -4.17 5.98 -15.77
N VAL B 159 -5.46 5.79 -16.01
CA VAL B 159 -6.24 6.67 -16.91
C VAL B 159 -7.24 7.37 -16.01
N CYS B 160 -7.21 8.69 -15.98
CA CYS B 160 -8.19 9.46 -15.22
C CYS B 160 -9.15 10.09 -16.21
N ASN B 161 -10.46 9.91 -16.01
CA ASN B 161 -11.52 10.57 -16.82
C ASN B 161 -12.32 11.49 -15.91
N PHE B 162 -12.23 12.79 -16.13
CA PHE B 162 -12.92 13.72 -15.24
C PHE B 162 -13.53 14.88 -16.01
N SER B 163 -14.64 15.39 -15.49
CA SER B 163 -15.43 16.36 -16.24
C SER B 163 -14.76 17.74 -16.31
N VAL B 164 -14.79 18.33 -17.51
CA VAL B 164 -14.23 19.68 -17.77
C VAL B 164 -15.23 20.43 -18.63
N ASP B 165 -15.14 21.76 -18.61
CA ASP B 165 -16.01 22.56 -19.48
C ASP B 165 -15.32 22.76 -20.78
N HIS B 166 -16.08 23.14 -21.83
CA HIS B 166 -15.46 23.46 -23.10
C HIS B 166 -16.50 24.21 -23.94
N ASP B 167 -16.03 25.26 -24.63
CA ASP B 167 -16.90 26.21 -25.31
C ASP B 167 -17.58 25.54 -26.48
N SER B 168 -16.91 24.54 -27.05
CA SER B 168 -17.49 23.72 -28.13
C SER B 168 -18.57 22.71 -27.72
N ALA B 169 -18.70 22.49 -26.42
CA ALA B 169 -19.68 21.54 -25.93
C ALA B 169 -20.38 22.14 -24.75
N PRO B 170 -21.19 23.20 -25.00
CA PRO B 170 -22.04 23.82 -23.99
C PRO B 170 -23.15 22.85 -23.57
N LEU B 171 -23.90 23.18 -22.52
CA LEU B 171 -25.07 22.40 -22.15
C LEU B 171 -26.08 22.53 -23.30
N ASN B 172 -26.86 21.49 -23.57
CA ASN B 172 -27.82 21.57 -24.66
C ASN B 172 -29.13 21.08 -24.13
N ASN B 173 -30.18 21.19 -24.95
CA ASN B 173 -31.53 20.86 -24.49
C ASN B 173 -31.92 19.38 -24.74
N ARG B 174 -31.08 18.66 -25.48
CA ARG B 174 -31.33 17.24 -25.78
C ARG B 174 -30.98 16.33 -24.61
N CYS B 175 -29.78 16.52 -24.05
CA CYS B 175 -29.23 15.64 -22.99
C CYS B 175 -29.07 16.31 -21.63
N VAL B 176 -29.08 15.51 -20.58
CA VAL B 176 -28.67 16.02 -19.26
C VAL B 176 -27.14 15.82 -19.09
N ARG B 177 -26.44 16.86 -18.67
CA ARG B 177 -25.03 16.75 -18.50
C ARG B 177 -24.67 16.09 -17.16
N ALA B 178 -24.13 14.88 -17.25
CA ALA B 178 -23.54 14.22 -16.08
C ALA B 178 -22.13 14.74 -15.81
N LYS B 179 -21.68 14.50 -14.58
CA LYS B 179 -20.34 14.90 -14.18
C LYS B 179 -19.63 13.66 -13.62
N ILE B 180 -18.41 13.43 -14.05
CA ILE B 180 -17.72 12.22 -13.60
C ILE B 180 -16.33 12.51 -13.02
N ASN B 181 -15.91 11.65 -12.12
CA ASN B 181 -14.46 11.61 -11.75
C ASN B 181 -14.14 10.13 -11.72
N VAL B 182 -13.44 9.62 -12.72
CA VAL B 182 -13.26 8.17 -12.90
C VAL B 182 -11.79 7.87 -13.05
N ALA B 183 -11.33 6.75 -12.49
CA ALA B 183 -10.00 6.29 -12.77
C ALA B 183 -9.92 4.80 -13.03
N MET B 184 -9.13 4.42 -14.00
CA MET B 184 -8.66 3.04 -13.97
C MET B 184 -7.15 2.93 -13.64
N ILE B 185 -6.83 2.19 -12.58
CA ILE B 185 -5.46 2.10 -12.08
C ILE B 185 -4.96 0.65 -12.11
N CYS B 186 -3.86 0.42 -12.85
CA CYS B 186 -3.41 -0.95 -13.16
C CYS B 186 -1.95 -1.16 -12.78
N GLN B 187 -1.66 -2.31 -12.16
CA GLN B 187 -0.28 -2.72 -11.90
C GLN B 187 -0.04 -4.14 -12.43
N THR B 188 1.10 -4.36 -13.07
CA THR B 188 1.45 -5.68 -13.60
C THR B 188 2.27 -6.46 -12.57
N LEU B 189 1.84 -7.67 -12.24
CA LEU B 189 2.71 -8.55 -11.46
C LEU B 189 3.39 -9.50 -12.44
N VAL B 190 4.70 -9.63 -12.32
CA VAL B 190 5.46 -10.52 -13.19
C VAL B 190 6.08 -11.63 -12.36
N SER B 191 6.08 -12.83 -12.93
CA SER B 191 6.79 -13.94 -12.32
C SER B 191 7.72 -14.55 -13.36
N PRO B 192 9.04 -14.31 -13.23
CA PRO B 192 10.03 -15.04 -14.03
C PRO B 192 9.65 -16.53 -14.05
N PRO B 193 9.77 -17.19 -15.21
CA PRO B 193 9.11 -18.50 -15.44
C PRO B 193 9.94 -19.77 -15.12
N GLU B 194 9.66 -20.84 -15.87
CA GLU B 194 10.47 -22.06 -15.80
C GLU B 194 11.75 -21.89 -16.63
N GLY B 195 12.85 -22.42 -16.11
CA GLY B 195 14.12 -22.45 -16.88
C GLY B 195 14.68 -21.10 -17.32
N ASN B 196 15.30 -21.08 -18.49
CA ASN B 196 15.78 -19.86 -19.12
C ASN B 196 14.77 -19.37 -20.17
N GLN B 197 13.49 -19.67 -19.93
CA GLN B 197 12.44 -19.21 -20.84
C GLN B 197 12.26 -17.70 -20.66
N GLU B 198 11.97 -16.99 -21.74
CA GLU B 198 11.65 -15.57 -21.63
C GLU B 198 10.23 -15.42 -21.07
N ILE B 199 9.89 -14.23 -20.57
CA ILE B 199 8.55 -14.03 -19.99
C ILE B 199 7.46 -14.21 -21.06
N SER B 200 6.39 -14.90 -20.71
CA SER B 200 5.28 -15.03 -21.63
C SER B 200 4.04 -14.51 -20.89
N ARG B 201 2.91 -14.42 -21.59
CA ARG B 201 1.69 -13.83 -21.03
C ARG B 201 1.22 -14.75 -19.90
N ASP B 202 1.87 -15.89 -19.78
CA ASP B 202 1.56 -16.85 -18.73
C ASP B 202 2.18 -16.44 -17.41
N ASN B 203 3.13 -15.54 -17.49
CA ASN B 203 3.86 -15.10 -16.33
C ASN B 203 3.34 -13.77 -15.80
N ILE B 204 2.37 -13.18 -16.48
CA ILE B 204 1.89 -11.85 -16.10
C ILE B 204 0.44 -11.86 -15.61
N LEU B 205 0.16 -10.95 -14.67
CA LEU B 205 -1.17 -10.76 -14.11
C LEU B 205 -1.36 -9.24 -13.93
N CYS B 206 -2.50 -8.70 -14.35
CA CYS B 206 -2.78 -7.28 -14.14
C CYS B 206 -3.80 -7.10 -13.03
N LYS B 207 -3.42 -6.32 -12.00
CA LYS B 207 -4.29 -6.01 -10.89
C LYS B 207 -4.95 -4.66 -11.16
N ILE B 208 -6.28 -4.64 -11.17
CA ILE B 208 -7.00 -3.46 -11.63
C ILE B 208 -7.84 -2.93 -10.50
N THR B 209 -7.72 -1.64 -10.28
CA THR B 209 -8.67 -0.92 -9.47
C THR B 209 -9.39 0.12 -10.36
N TYR B 210 -10.72 0.09 -10.34
CA TYR B 210 -11.51 1.01 -11.13
C TYR B 210 -12.42 1.74 -10.20
N VAL B 211 -12.33 3.06 -10.13
CA VAL B 211 -13.22 3.88 -9.25
C VAL B 211 -14.06 4.87 -10.08
N ALA B 212 -15.34 4.95 -9.78
CA ALA B 212 -16.24 5.87 -10.45
C ALA B 212 -16.99 6.72 -9.45
N ASN B 213 -16.92 8.04 -9.59
CA ASN B 213 -17.81 8.90 -8.82
C ASN B 213 -18.59 9.68 -9.89
N VAL B 214 -19.89 9.42 -10.01
CA VAL B 214 -20.72 9.97 -11.12
C VAL B 214 -21.90 10.72 -10.58
N ASN B 215 -22.08 11.98 -11.00
CA ASN B 215 -23.32 12.70 -10.72
C ASN B 215 -24.11 12.69 -12.02
N PRO B 216 -25.17 11.86 -12.08
CA PRO B 216 -25.84 11.73 -13.38
C PRO B 216 -26.68 12.99 -13.72
N GLY B 217 -26.76 13.94 -12.80
CA GLY B 217 -27.54 15.16 -13.03
C GLY B 217 -29.04 14.89 -13.03
N GLY B 218 -29.84 15.94 -13.14
CA GLY B 218 -31.28 15.78 -13.23
C GLY B 218 -31.78 15.14 -11.96
N TRP B 219 -32.83 14.33 -12.08
CA TRP B 219 -33.38 13.63 -10.94
C TRP B 219 -33.79 12.28 -11.47
N ALA B 220 -33.57 11.24 -10.66
CA ALA B 220 -34.11 9.93 -10.98
C ALA B 220 -34.26 9.15 -9.69
N PRO B 221 -35.08 8.10 -9.71
CA PRO B 221 -35.24 7.42 -8.43
C PRO B 221 -33.92 6.77 -7.98
N ALA B 222 -33.63 6.88 -6.69
CA ALA B 222 -32.41 6.34 -6.13
C ALA B 222 -32.28 4.88 -6.43
N SER B 223 -33.32 4.09 -6.16
CA SER B 223 -33.23 2.66 -6.39
C SER B 223 -32.98 2.27 -7.85
N VAL B 224 -33.44 3.11 -8.80
CA VAL B 224 -33.24 2.84 -10.22
C VAL B 224 -31.78 3.15 -10.61
N LEU B 225 -31.24 4.24 -10.07
CA LEU B 225 -29.85 4.60 -10.33
C LEU B 225 -28.93 3.53 -9.73
N ARG B 226 -29.26 3.10 -8.52
CA ARG B 226 -28.45 2.05 -7.87
C ARG B 226 -28.54 0.75 -8.61
N ALA B 227 -29.68 0.40 -9.16
CA ALA B 227 -29.76 -0.85 -9.92
C ALA B 227 -28.97 -0.75 -11.22
N VAL B 228 -28.99 0.39 -11.89
CA VAL B 228 -28.23 0.46 -13.13
C VAL B 228 -26.71 0.46 -12.93
N ALA B 229 -26.25 1.07 -11.85
CA ALA B 229 -24.86 0.93 -11.46
C ALA B 229 -24.49 -0.54 -11.34
N LYS B 230 -25.28 -1.28 -10.58
CA LYS B 230 -24.98 -2.70 -10.35
C LYS B 230 -25.04 -3.52 -11.60
N ARG B 231 -25.87 -3.14 -12.56
CA ARG B 231 -25.93 -3.85 -13.84
C ARG B 231 -24.78 -3.48 -14.75
N GLU B 232 -24.60 -2.18 -14.98
CA GLU B 232 -23.71 -1.69 -16.04
C GLU B 232 -22.20 -1.70 -15.73
N TYR B 233 -21.80 -1.41 -14.50
CA TYR B 233 -20.34 -1.45 -14.19
C TYR B 233 -19.68 -2.83 -14.29
N PRO B 234 -20.25 -3.85 -13.66
CA PRO B 234 -19.70 -5.20 -13.82
C PRO B 234 -19.74 -5.66 -15.28
N LYS B 235 -20.84 -5.39 -15.95
CA LYS B 235 -20.94 -5.78 -17.34
C LYS B 235 -19.81 -5.13 -18.13
N PHE B 236 -19.60 -3.84 -17.96
CA PHE B 236 -18.47 -3.16 -18.62
C PHE B 236 -17.08 -3.76 -18.29
N LEU B 237 -16.82 -4.01 -17.00
CA LEU B 237 -15.51 -4.51 -16.55
C LEU B 237 -15.19 -5.83 -17.18
N LYS B 238 -16.19 -6.68 -17.23
CA LYS B 238 -16.05 -8.01 -17.81
C LYS B 238 -15.81 -7.96 -19.34
N ARG B 239 -16.65 -7.23 -20.05
CA ARG B 239 -16.44 -7.10 -21.47
C ARG B 239 -15.12 -6.42 -21.81
N PHE B 240 -14.82 -5.29 -21.16
CA PHE B 240 -13.57 -4.57 -21.45
C PHE B 240 -12.34 -5.42 -21.18
N THR B 241 -12.27 -6.09 -20.03
CA THR B 241 -11.10 -6.88 -19.71
C THR B 241 -10.95 -8.09 -20.66
N SER B 242 -12.07 -8.70 -21.06
CA SER B 242 -11.97 -9.87 -21.95
C SER B 242 -11.54 -9.38 -23.30
N TYR B 243 -11.95 -8.17 -23.66
CA TYR B 243 -11.53 -7.56 -24.93
C TYR B 243 -10.02 -7.39 -25.03
N VAL B 244 -9.42 -6.80 -23.98
CA VAL B 244 -7.97 -6.67 -23.90
C VAL B 244 -7.31 -8.05 -23.96
N GLN B 245 -7.81 -9.00 -23.18
CA GLN B 245 -7.28 -10.36 -23.21
C GLN B 245 -7.29 -10.93 -24.64
N GLU B 246 -8.40 -10.72 -25.36
CA GLU B 246 -8.50 -11.21 -26.76
C GLU B 246 -7.65 -10.45 -27.78
N LYS B 247 -7.58 -9.13 -27.64
CA LYS B 247 -6.75 -8.32 -28.51
C LYS B 247 -5.26 -8.51 -28.31
N THR B 248 -4.83 -8.88 -27.09
CA THR B 248 -3.40 -9.05 -26.80
C THR B 248 -2.87 -10.49 -26.97
N ALA B 249 -3.76 -11.48 -26.92
CA ALA B 249 -3.41 -12.90 -27.06
C ALA B 249 -2.44 -13.16 -28.20
N GLY B 250 -1.33 -13.83 -27.88
CA GLY B 250 -0.35 -14.28 -28.89
C GLY B 250 0.59 -13.17 -29.36
N LYS B 251 0.32 -11.93 -28.94
CA LYS B 251 1.11 -10.80 -29.36
C LYS B 251 2.26 -10.49 -28.38
N PRO B 252 3.31 -9.79 -28.85
CA PRO B 252 4.46 -9.37 -28.04
C PRO B 252 3.98 -8.49 -26.92
N ILE B 253 4.57 -8.62 -25.73
CA ILE B 253 3.99 -7.95 -24.59
C ILE B 253 4.48 -6.54 -24.56
N LEU B 254 3.57 -5.60 -24.29
CA LEU B 254 3.87 -4.17 -24.07
C LEU B 254 3.89 -3.94 -22.56
N PHE B 255 5.07 -3.90 -21.98
CA PHE B 255 5.20 -3.68 -20.55
C PHE B 255 5.06 -2.21 -20.24
#